data_6XYY
#
_entry.id   6XYY
#
_cell.length_a   95.810
_cell.length_b   95.810
_cell.length_c   162.030
_cell.angle_alpha   90.000
_cell.angle_beta   90.000
_cell.angle_gamma   90.000
#
_symmetry.space_group_name_H-M   'P 43 21 2'
#
loop_
_entity.id
_entity.type
_entity.pdbx_description
1 polymer Acetylcholinesterase
2 branched alpha-D-mannopyranose-(1-3)-alpha-D-mannopyranose-(1-4)-2-acetamido-2-deoxy-beta-D-glucopyranose-(1-4)-2-acetamido-2-deoxy-beta-D-glucopyranose
3 non-polymer 'PROPANOIC ACID'
4 non-polymer 9-(3-PHENYLMETHYLAMINO)-1,2,3,4-TETRAHYDROACRIDINE
5 non-polymer 2-acetamido-2-deoxy-beta-D-glucopyranose
6 non-polymer 'SULFATE ION'
7 non-polymer 'CHLORIDE ION'
8 water water
#
_entity_poly.entity_id   1
_entity_poly.type   'polypeptide(L)'
_entity_poly.pdbx_seq_one_letter_code
;VIDRLVVQTSSGPVRGRSVTVQGREVHVYTGIPYAKPPVEDLRFRKPVPAEPWHGVLDATGLSATCVQERYEYFPGFSGE
EIWNPNTNVSEDCLYINVWAPAKARLRHGRGANGGEHPNGKQADTDHLIHNGNPQNTTNGLPILIWIYGGGFMTGSATLD
IYNADIMAAVGNVIVASFQYRVGAFGFLHLAPEMPSEFAEEAPGNVGLWDQALAIRWLKDNAHAFGGNPEWMTLFGESAG
SSSVNAQLMSPVTRGLVKRGMMQSGTMNAPWSHMTSEKAVEIGKALINDCNCNASMLKTNPAHVMSCMRSVDAKTISVQQ
WNSYSGILSFPSAPTIDGAFLPADPMTLMKTADLKDYDILMGNVRDEGTYFLLYDFIDYFDKDDATALPRDKYLEIMNNI
FGKATQAEREAIIFQYTSWEGNPGYQNQQQIGRAVGDHFFTCPTNEYAQALAERGASVHYYYFTHRTSTSLWGEWMGVLH
GDEIEYFFGQPLNNSLQYRPVERELGKRMLSAVIEFAKTGNPAQDGEEWPNFSKEDPVYYIFSTDDKIEKLARGPLAARC
SFWNDYLPKVRSWAGTCDGDS
;
_entity_poly.pdbx_strand_id   A
#
# COMPACT_ATOMS: atom_id res chain seq x y z
N ASP A 3 15.39 24.11 -23.51
CA ASP A 3 16.04 22.81 -23.44
C ASP A 3 15.07 21.73 -23.94
N ARG A 4 15.62 20.63 -24.47
CA ARG A 4 14.83 19.50 -24.95
C ARG A 4 14.13 18.74 -23.83
N LEU A 5 14.41 19.09 -22.57
CA LEU A 5 13.91 18.35 -21.42
C LEU A 5 13.17 19.21 -20.41
N VAL A 6 12.79 20.44 -20.78
CA VAL A 6 11.92 21.26 -19.94
C VAL A 6 10.48 21.01 -20.35
N VAL A 7 9.62 20.78 -19.37
CA VAL A 7 8.19 20.76 -19.60
C VAL A 7 7.55 21.89 -18.79
N GLN A 8 6.49 22.46 -19.35
CA GLN A 8 5.84 23.64 -18.80
C GLN A 8 4.61 23.18 -18.00
N THR A 9 4.76 23.04 -16.68
CA THR A 9 3.66 22.54 -15.87
C THR A 9 2.75 23.68 -15.43
N SER A 10 1.64 23.31 -14.79
CA SER A 10 0.67 24.29 -14.34
C SER A 10 1.27 25.23 -13.30
N SER A 11 2.34 24.81 -12.63
CA SER A 11 3.00 25.59 -11.59
C SER A 11 4.27 26.26 -12.08
N GLY A 12 4.82 25.84 -13.23
CA GLY A 12 6.00 26.45 -13.78
C GLY A 12 6.86 25.51 -14.60
N PRO A 13 7.99 26.02 -15.08
CA PRO A 13 8.89 25.20 -15.90
C PRO A 13 9.76 24.31 -15.04
N VAL A 14 10.02 23.11 -15.57
CA VAL A 14 10.80 22.09 -14.87
C VAL A 14 11.56 21.26 -15.91
N ARG A 15 12.84 21.03 -15.63
CA ARG A 15 13.69 20.24 -16.52
C ARG A 15 14.15 18.96 -15.80
N GLY A 16 14.05 17.83 -16.51
CA GLY A 16 14.47 16.57 -15.99
C GLY A 16 15.71 16.06 -16.71
N ARG A 17 15.87 14.73 -16.68
CA ARG A 17 16.95 14.09 -17.39
C ARG A 17 16.40 12.99 -18.31
N SER A 18 17.23 12.56 -19.24
CA SER A 18 16.83 11.63 -20.29
C SER A 18 17.58 10.32 -20.13
N VAL A 19 16.85 9.20 -20.18
CA VAL A 19 17.45 7.88 -20.07
C VAL A 19 17.05 7.05 -21.28
N THR A 20 17.81 5.97 -21.51
CA THR A 20 17.62 5.07 -22.63
C THR A 20 17.52 3.65 -22.07
N VAL A 21 16.29 3.21 -21.83
CA VAL A 21 15.99 1.90 -21.26
C VAL A 21 15.37 1.05 -22.36
N GLN A 22 15.86 -0.17 -22.51
CA GLN A 22 15.29 -1.15 -23.44
C GLN A 22 15.11 -0.55 -24.84
N GLY A 23 16.10 0.24 -25.28
CA GLY A 23 16.08 0.83 -26.60
C GLY A 23 15.15 2.01 -26.79
N ARG A 24 14.68 2.61 -25.71
CA ARG A 24 13.68 3.68 -25.75
C ARG A 24 14.15 4.84 -24.88
N GLU A 25 14.02 6.06 -25.41
CA GLU A 25 14.31 7.26 -24.61
C GLU A 25 13.10 7.59 -23.74
N VAL A 26 13.33 7.72 -22.42
CA VAL A 26 12.34 8.19 -21.46
C VAL A 26 12.87 9.46 -20.80
N HIS A 27 11.98 10.39 -20.49
CA HIS A 27 12.35 11.63 -19.81
C HIS A 27 11.91 11.56 -18.35
N VAL A 28 12.85 11.65 -17.42
CA VAL A 28 12.60 11.36 -16.01
C VAL A 28 12.65 12.66 -15.22
N TYR A 29 11.50 13.07 -14.69
CA TYR A 29 11.38 14.27 -13.87
C TYR A 29 11.07 13.83 -12.44
N THR A 30 12.03 14.00 -11.54
CA THR A 30 11.89 13.65 -10.13
C THR A 30 12.02 14.89 -9.25
N GLY A 31 11.19 14.96 -8.20
CA GLY A 31 11.31 16.02 -7.22
C GLY A 31 10.51 17.28 -7.50
N ILE A 32 9.34 17.16 -8.09
CA ILE A 32 8.51 18.32 -8.42
C ILE A 32 7.57 18.58 -7.25
N PRO A 33 7.51 19.81 -6.71
CA PRO A 33 6.64 20.05 -5.55
C PRO A 33 5.18 20.17 -5.99
N TYR A 34 4.30 19.46 -5.30
CA TYR A 34 2.88 19.56 -5.55
C TYR A 34 2.11 20.21 -4.42
N ALA A 35 2.79 20.62 -3.34
CA ALA A 35 2.15 21.28 -2.20
C ALA A 35 3.17 22.15 -1.49
N LYS A 36 2.67 23.10 -0.71
CA LYS A 36 3.57 23.86 0.16
C LYS A 36 4.21 22.90 1.17
N PRO A 37 5.47 23.11 1.52
CA PRO A 37 6.10 22.28 2.53
C PRO A 37 5.31 22.34 3.83
N PRO A 38 4.70 21.20 4.24
CA PRO A 38 3.77 21.17 5.42
C PRO A 38 4.48 21.24 6.77
N VAL A 39 5.02 22.41 7.07
CA VAL A 39 5.84 22.64 8.26
C VAL A 39 5.30 23.86 8.99
N GLU A 40 5.80 24.10 10.20
CA GLU A 40 5.36 25.26 10.99
C GLU A 40 3.86 25.09 11.24
N ASP A 41 3.05 26.15 11.11
CA ASP A 41 1.62 26.01 11.32
C ASP A 41 0.97 25.07 10.30
N LEU A 42 1.70 24.63 9.27
CA LEU A 42 1.09 23.74 8.31
C LEU A 42 1.30 22.27 8.66
N ARG A 43 1.92 21.95 9.80
CA ARG A 43 1.98 20.57 10.25
C ARG A 43 0.58 20.09 10.64
N PHE A 44 0.31 18.80 10.37
CA PHE A 44 -0.95 18.14 10.71
C PHE A 44 -2.12 18.63 9.85
N ARG A 45 -1.96 19.73 9.14
CA ARG A 45 -3.11 20.26 8.41
C ARG A 45 -3.20 19.65 7.02
N LYS A 46 -4.33 19.90 6.38
CA LYS A 46 -4.49 19.47 5.00
C LYS A 46 -3.41 20.14 4.13
N PRO A 47 -2.99 19.49 3.04
CA PRO A 47 -2.00 20.11 2.17
C PRO A 47 -2.58 21.30 1.45
N VAL A 48 -1.72 22.26 1.09
CA VAL A 48 -2.15 23.36 0.24
C VAL A 48 -1.31 23.40 -1.03
N PRO A 49 -1.93 23.72 -2.18
CA PRO A 49 -1.21 23.74 -3.46
C PRO A 49 0.04 24.60 -3.39
N ALA A 50 1.06 24.18 -4.14
CA ALA A 50 2.38 24.79 -4.05
C ALA A 50 2.41 26.16 -4.70
N GLU A 51 3.33 26.99 -4.23
CA GLU A 51 3.58 28.32 -4.79
C GLU A 51 4.11 28.17 -6.22
N PRO A 52 3.43 28.72 -7.23
CA PRO A 52 4.02 28.80 -8.57
C PRO A 52 5.43 29.39 -8.51
N TRP A 53 6.28 28.93 -9.44
CA TRP A 53 7.69 29.31 -9.47
C TRP A 53 8.08 29.84 -10.83
N HIS A 54 9.12 30.67 -10.85
CA HIS A 54 9.74 31.13 -12.08
C HIS A 54 11.18 30.65 -12.12
N GLY A 55 11.65 30.36 -13.32
CA GLY A 55 12.97 29.77 -13.47
C GLY A 55 12.88 28.27 -13.40
N VAL A 56 13.39 27.58 -14.42
CA VAL A 56 13.15 26.14 -14.54
C VAL A 56 13.67 25.44 -13.30
N LEU A 57 12.81 24.60 -12.72
CA LEU A 57 13.11 23.87 -11.50
C LEU A 57 13.86 22.58 -11.84
N ASP A 58 14.95 22.35 -11.11
CA ASP A 58 15.78 21.16 -11.29
C ASP A 58 15.01 19.92 -10.83
N ALA A 59 14.69 19.04 -11.77
CA ALA A 59 13.99 17.80 -11.46
C ALA A 59 14.84 16.57 -11.77
N THR A 60 16.15 16.67 -11.54
CA THR A 60 17.05 15.56 -11.81
C THR A 60 17.50 14.83 -10.55
N GLY A 61 17.16 15.34 -9.36
CA GLY A 61 17.53 14.69 -8.13
C GLY A 61 16.38 13.92 -7.52
N LEU A 62 16.71 13.00 -6.63
CA LEU A 62 15.67 12.36 -5.84
C LEU A 62 15.19 13.31 -4.75
N SER A 63 13.92 13.18 -4.41
CA SER A 63 13.34 14.05 -3.40
C SER A 63 13.52 13.44 -2.02
N ALA A 64 13.21 14.24 -1.00
CA ALA A 64 13.31 13.79 0.37
C ALA A 64 12.21 12.77 0.67
N THR A 65 12.42 11.96 1.71
CA THR A 65 11.36 11.06 2.16
C THR A 65 10.72 11.60 3.42
N CYS A 66 9.44 11.26 3.59
CA CYS A 66 8.67 11.80 4.70
C CYS A 66 9.20 11.23 6.01
N VAL A 67 9.06 12.02 7.08
CA VAL A 67 9.62 11.68 8.38
C VAL A 67 9.11 10.31 8.79
N GLN A 68 10.03 9.43 9.20
CA GLN A 68 9.72 8.05 9.57
C GLN A 68 10.97 7.42 10.14
N GLU A 69 10.79 6.30 10.85
CA GLU A 69 11.89 5.60 11.48
C GLU A 69 12.37 4.38 10.69
N ARG A 70 13.67 4.12 10.82
CA ARG A 70 14.37 3.05 10.15
C ARG A 70 14.10 1.73 10.86
N TYR A 71 13.72 0.69 10.11
CA TYR A 71 13.66 -0.63 10.70
C TYR A 71 15.08 -1.22 10.78
N GLU A 72 15.53 -1.49 12.00
CA GLU A 72 16.87 -2.01 12.24
C GLU A 72 16.82 -3.29 13.05
N TYR A 73 15.84 -4.15 12.76
CA TYR A 73 15.74 -5.41 13.49
C TYR A 73 16.88 -6.35 13.14
N PHE A 74 17.44 -6.20 11.95
CA PHE A 74 18.55 -7.03 11.47
C PHE A 74 19.63 -6.08 10.96
N PRO A 75 20.42 -5.51 11.87
CA PRO A 75 21.34 -4.42 11.50
C PRO A 75 22.31 -4.85 10.41
N GLY A 76 22.40 -4.05 9.37
CA GLY A 76 23.27 -4.35 8.23
C GLY A 76 22.61 -5.16 7.14
N PHE A 77 21.97 -6.27 7.50
CA PHE A 77 21.26 -7.17 6.59
C PHE A 77 20.45 -6.42 5.56
N SER A 78 20.77 -6.63 4.28
CA SER A 78 20.27 -5.72 3.25
C SER A 78 18.80 -5.94 2.95
N GLY A 79 18.30 -7.16 3.13
CA GLY A 79 16.89 -7.41 2.83
C GLY A 79 15.93 -6.54 3.60
N GLU A 80 16.37 -6.06 4.76
CA GLU A 80 15.57 -5.12 5.54
C GLU A 80 15.82 -3.68 5.13
N GLU A 81 17.06 -3.33 4.79
CA GLU A 81 17.38 -1.93 4.56
C GLU A 81 16.91 -1.41 3.21
N ILE A 82 16.74 -2.29 2.21
CA ILE A 82 16.21 -1.85 0.91
C ILE A 82 14.79 -1.31 1.03
N TRP A 83 14.17 -1.44 2.20
CA TRP A 83 12.88 -0.84 2.43
C TRP A 83 12.97 0.37 3.35
N ASN A 84 14.15 0.75 3.75
CA ASN A 84 14.38 1.97 4.53
C ASN A 84 14.62 3.17 3.60
N PRO A 85 14.35 4.38 4.07
CA PRO A 85 14.59 5.57 3.25
C PRO A 85 15.98 5.53 2.62
N ASN A 86 16.07 5.97 1.36
CA ASN A 86 17.36 6.09 0.70
C ASN A 86 17.68 7.53 0.34
N THR A 87 16.80 8.48 0.65
CA THR A 87 17.15 9.89 0.71
C THR A 87 16.84 10.38 2.12
N ASN A 88 17.32 11.58 2.45
CA ASN A 88 17.16 12.06 3.83
C ASN A 88 15.70 12.25 4.15
N VAL A 89 15.37 12.09 5.41
CA VAL A 89 14.00 12.29 5.90
C VAL A 89 13.80 13.76 6.25
N SER A 90 12.62 14.26 5.94
CA SER A 90 12.23 15.64 6.16
C SER A 90 10.72 15.76 6.17
N GLU A 91 10.22 16.73 6.94
CA GLU A 91 8.82 17.10 6.76
C GLU A 91 8.60 17.69 5.38
N ASP A 92 9.57 18.48 4.88
CA ASP A 92 9.48 19.00 3.52
C ASP A 92 9.71 17.84 2.55
N CYS A 93 8.62 17.12 2.18
CA CYS A 93 8.67 15.88 1.40
C CYS A 93 7.60 15.74 0.33
N LEU A 94 6.70 16.72 0.14
CA LEU A 94 5.59 16.53 -0.79
C LEU A 94 6.04 16.84 -2.21
N TYR A 95 6.55 15.81 -2.91
CA TYR A 95 7.09 15.94 -4.26
C TYR A 95 6.59 14.80 -5.16
N ILE A 96 6.51 15.08 -6.45
CA ILE A 96 6.01 14.14 -7.45
C ILE A 96 7.15 13.74 -8.38
N ASN A 97 7.07 12.52 -8.91
CA ASN A 97 7.94 12.07 -9.98
C ASN A 97 7.11 11.62 -11.18
N VAL A 98 7.64 11.86 -12.39
CA VAL A 98 6.97 11.48 -13.63
C VAL A 98 7.98 10.90 -14.61
N TRP A 99 7.67 9.72 -15.15
CA TRP A 99 8.46 9.04 -16.19
C TRP A 99 7.67 9.13 -17.49
N ALA A 100 8.22 9.79 -18.50
CA ALA A 100 7.48 10.11 -19.72
C ALA A 100 8.27 9.69 -20.95
N PRO A 101 7.71 8.83 -21.80
CA PRO A 101 8.45 8.41 -23.02
C PRO A 101 8.73 9.59 -23.95
N ALA A 102 9.84 9.46 -24.68
CA ALA A 102 10.29 10.33 -25.78
C ALA A 102 9.27 11.29 -26.35
N THR A 137 -6.32 5.99 -27.72
CA THR A 137 -7.60 6.63 -28.05
C THR A 137 -7.39 7.83 -28.99
N THR A 138 -6.14 8.32 -29.08
CA THR A 138 -5.57 9.33 -29.98
C THR A 138 -5.02 10.57 -29.26
N ASN A 139 -5.57 10.91 -28.08
CA ASN A 139 -5.31 12.20 -27.44
C ASN A 139 -4.25 12.15 -26.34
N GLY A 140 -3.24 11.30 -26.47
CA GLY A 140 -2.22 11.20 -25.43
C GLY A 140 -2.08 9.83 -24.80
N LEU A 141 -0.93 9.58 -24.14
CA LEU A 141 -0.56 8.28 -23.60
C LEU A 141 -1.30 7.97 -22.29
N PRO A 142 -1.41 6.69 -21.93
CA PRO A 142 -1.99 6.36 -20.61
C PRO A 142 -1.04 6.75 -19.49
N ILE A 143 -1.61 6.98 -18.30
CA ILE A 143 -0.85 7.47 -17.16
C ILE A 143 -1.11 6.54 -15.98
N LEU A 144 -0.07 5.87 -15.50
CA LEU A 144 -0.15 5.02 -14.32
C LEU A 144 0.49 5.74 -13.14
N ILE A 145 -0.20 5.71 -11.99
CA ILE A 145 0.22 6.42 -10.79
C ILE A 145 0.43 5.41 -9.67
N TRP A 146 1.66 5.36 -9.14
CA TRP A 146 2.03 4.43 -8.06
C TRP A 146 1.86 5.05 -6.67
N ILE A 147 1.24 4.31 -5.76
CA ILE A 147 1.18 4.68 -4.34
C ILE A 147 1.87 3.60 -3.52
N TYR A 148 3.02 3.92 -2.94
CA TYR A 148 3.73 2.96 -2.12
C TYR A 148 2.98 2.65 -0.84
N GLY A 149 3.35 1.51 -0.25
CA GLY A 149 2.85 1.09 1.03
C GLY A 149 3.92 1.19 2.11
N GLY A 150 3.71 0.42 3.19
CA GLY A 150 4.51 0.58 4.39
C GLY A 150 3.69 0.92 5.62
N GLY A 151 2.45 0.43 5.66
CA GLY A 151 1.66 0.46 6.87
C GLY A 151 1.19 1.82 7.33
N PHE A 152 1.13 2.80 6.45
CA PHE A 152 0.78 4.18 6.79
C PHE A 152 1.74 4.79 7.81
N MET A 153 2.87 4.13 8.06
CA MET A 153 3.86 4.64 8.99
C MET A 153 5.18 4.97 8.31
N THR A 154 5.43 4.37 7.16
CA THR A 154 6.75 4.33 6.52
C THR A 154 6.53 4.24 5.01
N GLY A 155 7.63 4.19 4.28
CA GLY A 155 7.57 4.03 2.85
C GLY A 155 7.97 5.31 2.13
N SER A 156 8.27 5.16 0.85
CA SER A 156 8.80 6.26 0.06
C SER A 156 8.77 5.87 -1.41
N ALA A 157 8.56 6.88 -2.25
CA ALA A 157 8.51 6.68 -3.70
C ALA A 157 9.89 6.58 -4.32
N THR A 158 10.95 6.88 -3.58
CA THR A 158 12.29 6.99 -4.15
C THR A 158 13.06 5.68 -4.13
N LEU A 159 12.49 4.62 -3.55
CA LEU A 159 13.21 3.36 -3.48
C LEU A 159 13.46 2.86 -4.90
N ASP A 160 14.68 2.36 -5.14
CA ASP A 160 15.00 1.77 -6.45
C ASP A 160 13.91 0.81 -6.92
N ILE A 161 13.33 0.02 -6.00
CA ILE A 161 12.37 -0.99 -6.38
C ILE A 161 11.17 -0.38 -7.11
N TYR A 162 10.92 0.92 -6.90
CA TYR A 162 9.82 1.64 -7.53
C TYR A 162 10.26 2.43 -8.77
N ASN A 163 11.51 2.30 -9.17
CA ASN A 163 11.94 2.92 -10.41
C ASN A 163 11.04 2.49 -11.57
N ALA A 164 10.40 3.45 -12.23
CA ALA A 164 9.51 3.18 -13.35
C ALA A 164 10.19 3.32 -14.71
N ASP A 165 11.53 3.33 -14.73
CA ASP A 165 12.24 3.40 -16.01
C ASP A 165 11.77 2.31 -16.96
N ILE A 166 11.91 1.04 -16.53
CA ILE A 166 11.60 -0.08 -17.42
C ILE A 166 10.12 -0.06 -17.80
N MET A 167 9.24 0.12 -16.82
CA MET A 167 7.81 0.09 -17.10
C MET A 167 7.44 1.08 -18.18
N ALA A 168 7.90 2.32 -18.06
CA ALA A 168 7.55 3.34 -19.05
C ALA A 168 8.11 2.98 -20.42
N ALA A 169 9.37 2.55 -20.48
CA ALA A 169 10.02 2.29 -21.76
C ALA A 169 9.34 1.15 -22.49
N VAL A 170 9.20 -0.01 -21.83
CA VAL A 170 8.61 -1.19 -22.45
C VAL A 170 7.11 -1.05 -22.58
N GLY A 171 6.47 -0.34 -21.65
CA GLY A 171 5.04 -0.13 -21.76
C GLY A 171 4.65 0.97 -22.70
N ASN A 172 5.56 1.89 -23.00
CA ASN A 172 5.22 3.11 -23.75
C ASN A 172 4.04 3.80 -23.08
N VAL A 173 4.18 4.03 -21.78
CA VAL A 173 3.15 4.69 -20.98
C VAL A 173 3.83 5.71 -20.08
N ILE A 174 3.02 6.52 -19.43
CA ILE A 174 3.49 7.47 -18.44
C ILE A 174 3.27 6.87 -17.06
N VAL A 175 4.29 6.96 -16.20
CA VAL A 175 4.22 6.50 -14.83
C VAL A 175 4.60 7.64 -13.89
N ALA A 176 3.83 7.81 -12.83
CA ALA A 176 4.10 8.83 -11.84
C ALA A 176 4.07 8.25 -10.42
N SER A 177 4.80 8.90 -9.53
CA SER A 177 4.79 8.53 -8.12
C SER A 177 5.03 9.79 -7.29
N PHE A 178 4.80 9.68 -5.99
CA PHE A 178 4.84 10.86 -5.13
C PHE A 178 4.88 10.43 -3.67
N GLN A 179 5.49 11.27 -2.84
CA GLN A 179 5.43 11.07 -1.39
C GLN A 179 4.11 11.59 -0.82
N TYR A 180 3.56 10.86 0.14
CA TYR A 180 2.43 11.29 0.94
C TYR A 180 2.81 11.13 2.40
N ARG A 181 2.27 12.01 3.26
CA ARG A 181 2.68 12.02 4.65
C ARG A 181 2.27 10.73 5.35
N VAL A 182 3.16 10.19 6.18
CA VAL A 182 2.92 8.94 6.89
C VAL A 182 3.09 9.18 8.38
N GLY A 183 2.63 8.21 9.16
CA GLY A 183 2.64 8.30 10.61
C GLY A 183 1.72 9.41 11.09
N ALA A 184 1.95 9.80 12.34
CA ALA A 184 1.19 10.89 12.93
C ALA A 184 1.22 12.16 12.09
N PHE A 185 2.22 12.33 11.22
CA PHE A 185 2.25 13.51 10.37
C PHE A 185 1.13 13.47 9.33
N GLY A 186 0.60 12.30 9.03
CA GLY A 186 -0.44 12.17 8.04
C GLY A 186 -1.81 11.80 8.62
N PHE A 187 -1.83 11.35 9.88
CA PHE A 187 -3.06 10.78 10.42
C PHE A 187 -3.37 11.22 11.84
N LEU A 188 -2.65 12.18 12.39
CA LEU A 188 -3.06 12.74 13.67
C LEU A 188 -4.47 13.28 13.54
N HIS A 189 -5.38 12.77 14.38
CA HIS A 189 -6.83 13.01 14.26
C HIS A 189 -7.33 13.46 15.63
N LEU A 190 -7.56 14.77 15.79
CA LEU A 190 -8.03 15.30 17.05
C LEU A 190 -9.31 16.11 16.96
N ALA A 191 -9.85 16.33 15.77
CA ALA A 191 -10.99 17.25 15.60
C ALA A 191 -12.17 16.99 16.53
N PRO A 192 -12.63 15.75 16.76
CA PRO A 192 -13.72 15.55 17.71
C PRO A 192 -13.45 16.14 19.08
N GLU A 193 -12.19 16.23 19.50
CA GLU A 193 -11.85 16.65 20.84
C GLU A 193 -11.82 18.17 21.01
N MET A 194 -11.99 18.95 19.94
CA MET A 194 -11.92 20.42 20.02
C MET A 194 -13.23 21.05 19.58
N PRO A 195 -13.45 22.33 19.85
CA PRO A 195 -14.62 23.01 19.26
C PRO A 195 -14.50 23.06 17.75
N SER A 196 -15.63 23.30 17.09
CA SER A 196 -15.67 23.21 15.63
C SER A 196 -14.85 24.31 14.96
N GLU A 197 -14.69 25.46 15.63
CA GLU A 197 -13.81 26.52 15.15
C GLU A 197 -12.44 25.96 14.79
N PHE A 198 -11.97 24.94 15.50
CA PHE A 198 -10.62 24.41 15.34
C PHE A 198 -10.60 23.14 14.49
N ALA A 199 -11.60 22.93 13.65
CA ALA A 199 -11.73 21.67 12.92
C ALA A 199 -10.51 21.35 12.06
N GLU A 200 -9.91 22.36 11.44
CA GLU A 200 -8.81 22.09 10.51
C GLU A 200 -7.45 21.97 11.20
N GLU A 201 -7.41 21.89 12.54
CA GLU A 201 -6.13 21.80 13.25
C GLU A 201 -5.48 20.44 13.06
N ALA A 202 -6.28 19.38 13.12
CA ALA A 202 -5.82 18.01 12.91
C ALA A 202 -7.03 17.20 12.51
N PRO A 203 -7.50 17.34 11.28
CA PRO A 203 -8.73 16.66 10.87
C PRO A 203 -8.53 15.16 10.72
N GLY A 204 -7.29 14.80 10.38
CA GLY A 204 -6.94 13.43 10.11
C GLY A 204 -7.00 13.11 8.63
N ASN A 205 -6.36 12.01 8.29
CA ASN A 205 -6.31 11.48 6.93
C ASN A 205 -5.55 12.40 5.97
N VAL A 206 -4.80 13.38 6.49
CA VAL A 206 -4.23 14.38 5.58
C VAL A 206 -3.25 13.73 4.62
N GLY A 207 -2.70 12.57 4.99
CA GLY A 207 -1.92 11.78 4.04
C GLY A 207 -2.74 11.28 2.87
N LEU A 208 -4.01 10.95 3.09
CA LEU A 208 -4.91 10.69 1.97
C LEU A 208 -5.17 11.95 1.16
N TRP A 209 -5.28 13.11 1.82
CA TRP A 209 -5.47 14.35 1.09
C TRP A 209 -4.26 14.68 0.23
N ASP A 210 -3.06 14.38 0.74
CA ASP A 210 -1.84 14.52 -0.07
C ASP A 210 -1.97 13.77 -1.39
N GLN A 211 -2.32 12.49 -1.31
CA GLN A 211 -2.48 11.68 -2.51
C GLN A 211 -3.51 12.30 -3.44
N ALA A 212 -4.66 12.67 -2.88
CA ALA A 212 -5.69 13.32 -3.69
C ALA A 212 -5.12 14.52 -4.43
N LEU A 213 -4.38 15.37 -3.71
CA LEU A 213 -3.82 16.56 -4.34
C LEU A 213 -2.79 16.20 -5.41
N ALA A 214 -1.93 15.22 -5.12
CA ALA A 214 -0.95 14.80 -6.13
C ALA A 214 -1.64 14.16 -7.34
N ILE A 215 -2.72 13.42 -7.10
CA ILE A 215 -3.45 12.85 -8.24
C ILE A 215 -4.10 13.97 -9.04
N ARG A 216 -4.72 14.94 -8.36
CA ARG A 216 -5.32 16.04 -9.09
C ARG A 216 -4.25 16.79 -9.89
N TRP A 217 -3.06 16.92 -9.31
CA TRP A 217 -1.98 17.61 -10.01
C TRP A 217 -1.65 16.92 -11.31
N LEU A 218 -1.55 15.59 -11.28
CA LEU A 218 -1.22 14.86 -12.50
C LEU A 218 -2.34 14.98 -13.52
N LYS A 219 -3.59 14.91 -13.08
CA LYS A 219 -4.66 15.06 -14.06
C LYS A 219 -4.61 16.45 -14.70
N ASP A 220 -4.26 17.47 -13.93
CA ASP A 220 -4.11 18.81 -14.48
C ASP A 220 -2.93 18.89 -15.45
N ASN A 221 -1.89 18.10 -15.22
CA ASN A 221 -0.66 18.21 -16.00
C ASN A 221 -0.43 17.02 -16.91
N ALA A 222 -1.42 16.13 -17.04
CA ALA A 222 -1.26 14.97 -17.91
C ALA A 222 -0.93 15.39 -19.33
N HIS A 223 -1.74 16.28 -19.90
CA HIS A 223 -1.53 16.67 -21.29
C HIS A 223 -0.15 17.28 -21.50
N ALA A 224 0.37 17.98 -20.51
CA ALA A 224 1.68 18.63 -20.66
C ALA A 224 2.81 17.62 -20.76
N PHE A 225 2.59 16.37 -20.36
CA PHE A 225 3.63 15.35 -20.37
C PHE A 225 3.45 14.34 -21.49
N GLY A 226 2.47 14.57 -22.38
CA GLY A 226 2.09 13.59 -23.39
C GLY A 226 1.03 12.60 -22.96
N GLY A 227 0.45 12.79 -21.78
CA GLY A 227 -0.52 11.86 -21.23
C GLY A 227 -1.95 12.28 -21.50
N ASN A 228 -2.83 11.28 -21.56
CA ASN A 228 -4.26 11.54 -21.72
C ASN A 228 -4.88 11.63 -20.33
N PRO A 229 -5.31 12.81 -19.89
CA PRO A 229 -5.85 12.94 -18.53
C PRO A 229 -6.99 12.01 -18.21
N GLU A 230 -7.68 11.48 -19.21
CA GLU A 230 -8.80 10.57 -18.98
C GLU A 230 -8.39 9.10 -19.01
N TRP A 231 -7.11 8.82 -19.17
CA TRP A 231 -6.62 7.46 -19.26
C TRP A 231 -5.71 7.11 -18.09
N MET A 232 -6.18 7.31 -16.86
CA MET A 232 -5.34 7.14 -15.68
C MET A 232 -5.67 5.85 -14.95
N THR A 233 -4.64 5.22 -14.41
CA THR A 233 -4.80 4.03 -13.58
C THR A 233 -4.03 4.27 -12.29
N LEU A 234 -4.66 3.99 -11.16
CA LEU A 234 -3.93 3.93 -9.89
C LEU A 234 -3.47 2.50 -9.66
N PHE A 235 -2.25 2.36 -9.13
CA PHE A 235 -1.85 1.07 -8.60
C PHE A 235 -0.91 1.25 -7.42
N GLY A 236 -0.97 0.29 -6.51
CA GLY A 236 -0.20 0.32 -5.28
C GLY A 236 -0.24 -1.03 -4.58
N GLU A 237 0.55 -1.14 -3.52
CA GLU A 237 0.69 -2.38 -2.79
C GLU A 237 0.58 -2.13 -1.29
N SER A 238 -0.01 -3.09 -0.58
CA SER A 238 -0.23 -3.01 0.85
C SER A 238 -0.95 -1.70 1.15
N ALA A 239 -0.41 -0.88 2.03
CA ALA A 239 -1.05 0.39 2.34
C ALA A 239 -1.28 1.24 1.09
N GLY A 240 -0.31 1.26 0.16
CA GLY A 240 -0.56 1.91 -1.12
C GLY A 240 -1.75 1.33 -1.87
N SER A 241 -1.87 -0.01 -1.85
CA SER A 241 -3.03 -0.63 -2.44
C SER A 241 -4.30 -0.20 -1.74
N SER A 242 -4.30 -0.22 -0.41
CA SER A 242 -5.47 0.28 0.31
C SER A 242 -5.74 1.73 -0.02
N SER A 243 -4.68 2.55 -0.18
CA SER A 243 -4.91 3.93 -0.57
C SER A 243 -5.58 4.03 -1.94
N VAL A 244 -5.12 3.21 -2.91
CA VAL A 244 -5.82 3.15 -4.19
C VAL A 244 -7.31 2.95 -3.97
N ASN A 245 -7.66 1.93 -3.18
CA ASN A 245 -9.05 1.70 -2.77
C ASN A 245 -9.70 2.99 -2.28
N ALA A 246 -9.05 3.67 -1.34
CA ALA A 246 -9.61 4.90 -0.78
C ALA A 246 -9.74 6.00 -1.84
N GLN A 247 -8.72 6.16 -2.70
CA GLN A 247 -8.82 7.21 -3.71
C GLN A 247 -9.93 6.94 -4.71
N LEU A 248 -10.26 5.67 -4.95
CA LEU A 248 -11.30 5.36 -5.94
C LEU A 248 -12.70 5.57 -5.39
N MET A 249 -12.90 5.35 -4.08
CA MET A 249 -14.25 5.31 -3.50
C MET A 249 -14.58 6.51 -2.62
N SER A 250 -13.61 7.31 -2.23
CA SER A 250 -13.90 8.48 -1.41
C SER A 250 -14.87 9.42 -2.13
N PRO A 251 -15.86 9.98 -1.43
CA PRO A 251 -16.67 11.04 -2.04
C PRO A 251 -15.83 12.21 -2.51
N VAL A 252 -14.81 12.59 -1.74
CA VAL A 252 -13.96 13.72 -2.13
C VAL A 252 -13.44 13.55 -3.56
N THR A 253 -13.14 12.32 -3.95
CA THR A 253 -12.41 12.05 -5.17
C THR A 253 -13.12 11.11 -6.13
N ARG A 254 -14.21 10.47 -5.72
CA ARG A 254 -14.90 9.50 -6.56
C ARG A 254 -15.21 10.10 -7.92
N GLY A 255 -14.82 9.38 -8.97
CA GLY A 255 -15.09 9.77 -10.34
C GLY A 255 -13.85 10.07 -11.16
N LEU A 256 -12.79 10.60 -10.53
CA LEU A 256 -11.64 10.99 -11.33
C LEU A 256 -10.93 9.78 -11.94
N VAL A 257 -10.77 8.70 -11.17
CA VAL A 257 -10.14 7.47 -11.65
C VAL A 257 -11.09 6.31 -11.39
N LYS A 258 -11.34 5.49 -12.42
CA LYS A 258 -12.22 4.34 -12.28
C LYS A 258 -11.51 3.05 -12.66
N ARG A 259 -10.18 3.02 -12.59
CA ARG A 259 -9.41 1.88 -13.03
C ARG A 259 -8.20 1.76 -12.11
N GLY A 260 -8.09 0.62 -11.42
CA GLY A 260 -7.11 0.51 -10.34
C GLY A 260 -6.66 -0.90 -10.06
N MET A 261 -5.40 -1.02 -9.65
CA MET A 261 -4.80 -2.30 -9.29
C MET A 261 -4.40 -2.25 -7.83
N MET A 262 -4.97 -3.14 -7.04
CA MET A 262 -4.72 -3.22 -5.60
C MET A 262 -3.97 -4.52 -5.30
N GLN A 263 -2.66 -4.42 -5.06
CA GLN A 263 -1.84 -5.58 -4.68
C GLN A 263 -1.85 -5.72 -3.17
N SER A 264 -2.47 -6.80 -2.67
CA SER A 264 -2.39 -7.20 -1.26
C SER A 264 -2.80 -6.07 -0.31
N GLY A 265 -3.89 -5.39 -0.63
CA GLY A 265 -4.30 -4.30 0.23
C GLY A 265 -5.66 -3.74 -0.10
N THR A 266 -6.61 -3.87 0.84
CA THR A 266 -7.96 -3.38 0.66
C THR A 266 -8.42 -2.76 1.98
N MET A 267 -9.25 -1.72 1.86
CA MET A 267 -9.66 -0.91 3.02
C MET A 267 -10.48 -1.69 4.05
N ASN A 268 -11.02 -2.87 3.71
CA ASN A 268 -11.76 -3.66 4.69
C ASN A 268 -10.85 -4.47 5.60
N ALA A 269 -9.58 -4.65 5.23
CA ALA A 269 -8.62 -5.33 6.07
C ALA A 269 -8.50 -4.63 7.43
N PRO A 270 -8.22 -5.39 8.51
CA PRO A 270 -8.21 -4.77 9.86
C PRO A 270 -7.19 -3.67 10.05
N TRP A 271 -6.01 -3.81 9.44
CA TRP A 271 -4.96 -2.84 9.64
C TRP A 271 -5.18 -1.56 8.86
N SER A 272 -6.20 -1.52 8.02
CA SER A 272 -6.38 -0.49 7.01
C SER A 272 -7.45 0.53 7.36
N HIS A 273 -8.03 0.45 8.55
CA HIS A 273 -9.02 1.44 8.94
C HIS A 273 -9.08 1.49 10.45
N MET A 274 -9.58 2.61 10.96
CA MET A 274 -9.58 2.85 12.39
C MET A 274 -10.70 3.83 12.72
N THR A 275 -11.40 3.57 13.82
CA THR A 275 -12.47 4.45 14.25
C THR A 275 -11.94 5.85 14.60
N SER A 276 -12.80 6.85 14.42
CA SER A 276 -12.57 8.15 15.03
C SER A 276 -12.09 8.02 16.47
N GLU A 277 -12.84 7.26 17.29
CA GLU A 277 -12.57 7.21 18.72
C GLU A 277 -11.19 6.61 19.02
N LYS A 278 -10.78 5.59 18.28
CA LYS A 278 -9.45 5.04 18.54
C LYS A 278 -8.38 6.06 18.18
N ALA A 279 -8.50 6.66 17.00
CA ALA A 279 -7.54 7.69 16.58
C ALA A 279 -7.45 8.82 17.62
N VAL A 280 -8.59 9.26 18.16
CA VAL A 280 -8.53 10.32 19.16
C VAL A 280 -7.71 9.85 20.36
N GLU A 281 -7.97 8.63 20.83
CA GLU A 281 -7.21 8.13 21.98
C GLU A 281 -5.73 7.99 21.65
N ILE A 282 -5.40 7.39 20.50
CA ILE A 282 -4.01 7.30 20.08
C ILE A 282 -3.40 8.68 19.93
N GLY A 283 -4.17 9.59 19.32
CA GLY A 283 -3.73 10.96 19.15
C GLY A 283 -3.38 11.65 20.44
N LYS A 284 -4.26 11.58 21.45
CA LYS A 284 -4.01 12.34 22.66
C LYS A 284 -2.92 11.70 23.50
N ALA A 285 -2.68 10.40 23.32
CA ALA A 285 -1.55 9.75 23.97
C ALA A 285 -0.23 10.29 23.41
N LEU A 286 -0.14 10.39 22.07
CA LEU A 286 1.02 11.04 21.46
C LEU A 286 1.22 12.46 22.00
N ILE A 287 0.12 13.21 22.15
CA ILE A 287 0.16 14.52 22.79
C ILE A 287 0.83 14.40 24.16
N ASN A 288 0.30 13.55 25.03
CA ASN A 288 0.91 13.40 26.34
C ASN A 288 2.35 12.92 26.23
N ASP A 289 2.61 12.01 25.29
CA ASP A 289 3.95 11.45 25.13
C ASP A 289 4.96 12.49 24.67
N CYS A 290 4.51 13.61 24.10
CA CYS A 290 5.39 14.73 23.75
C CYS A 290 5.31 15.90 24.74
N ASN A 291 4.75 15.67 25.93
CA ASN A 291 4.72 16.67 27.01
C ASN A 291 4.02 17.96 26.56
N CYS A 292 2.87 17.80 25.91
CA CYS A 292 1.85 18.83 25.80
C CYS A 292 0.62 18.31 26.53
N ASN A 293 0.14 19.06 27.53
CA ASN A 293 -0.92 18.55 28.38
C ASN A 293 -2.18 18.23 27.56
N ALA A 294 -2.35 16.94 27.19
CA ALA A 294 -3.53 16.57 26.40
C ALA A 294 -4.83 16.78 27.16
N SER A 295 -4.78 16.82 28.49
CA SER A 295 -5.95 17.21 29.25
C SER A 295 -6.42 18.62 28.88
N MET A 296 -5.51 19.47 28.38
CA MET A 296 -5.90 20.82 28.04
C MET A 296 -6.50 20.94 26.65
N LEU A 297 -6.58 19.83 25.90
CA LEU A 297 -7.06 19.87 24.52
C LEU A 297 -8.45 20.49 24.42
N LYS A 298 -9.33 20.20 25.38
CA LYS A 298 -10.73 20.56 25.23
C LYS A 298 -10.97 22.05 25.46
N THR A 299 -10.23 22.64 26.41
CA THR A 299 -10.48 24.02 26.83
C THR A 299 -9.57 25.04 26.15
N ASN A 300 -8.31 24.70 25.90
CA ASN A 300 -7.41 25.59 25.18
C ASN A 300 -6.74 24.79 24.06
N PRO A 301 -7.49 24.50 22.98
CA PRO A 301 -6.89 23.82 21.83
C PRO A 301 -5.69 24.55 21.26
N ALA A 302 -5.82 25.84 21.00
CA ALA A 302 -4.74 26.58 20.32
C ALA A 302 -3.40 26.35 21.00
N HIS A 303 -3.39 26.30 22.34
CA HIS A 303 -2.13 26.16 23.06
C HIS A 303 -1.52 24.78 22.85
N VAL A 304 -2.32 23.72 22.95
CA VAL A 304 -1.81 22.36 22.84
C VAL A 304 -1.26 22.11 21.44
N MET A 305 -1.96 22.60 20.42
CA MET A 305 -1.48 22.40 19.06
C MET A 305 -0.18 23.14 18.84
N SER A 306 -0.11 24.40 19.31
CA SER A 306 1.13 25.16 19.21
C SER A 306 2.30 24.38 19.82
N CYS A 307 2.05 23.74 20.97
CA CYS A 307 3.07 22.89 21.57
C CYS A 307 3.48 21.75 20.62
N MET A 308 2.50 21.09 20.00
CA MET A 308 2.78 19.96 19.12
C MET A 308 3.50 20.40 17.85
N ARG A 309 3.26 21.60 17.37
CA ARG A 309 4.00 22.13 16.23
C ARG A 309 5.37 22.66 16.61
N SER A 310 5.71 22.68 17.91
CA SER A 310 7.04 23.07 18.36
C SER A 310 7.97 21.89 18.59
N VAL A 311 7.42 20.68 18.73
CA VAL A 311 8.22 19.48 18.97
C VAL A 311 9.05 19.17 17.74
N ASP A 312 10.33 18.81 17.96
CA ASP A 312 11.15 18.26 16.88
C ASP A 312 10.46 17.05 16.25
N ALA A 313 10.47 17.01 14.92
CA ALA A 313 9.80 15.91 14.22
C ALA A 313 10.33 14.56 14.64
N LYS A 314 11.65 14.46 14.88
CA LYS A 314 12.23 13.20 15.34
C LYS A 314 11.51 12.67 16.57
N THR A 315 11.05 13.57 17.45
CA THR A 315 10.36 13.13 18.66
C THR A 315 8.99 12.54 18.35
N ILE A 316 8.19 13.24 17.53
CA ILE A 316 6.93 12.65 17.09
C ILE A 316 7.18 11.32 16.40
N SER A 317 8.21 11.30 15.54
CA SER A 317 8.45 10.12 14.73
C SER A 317 8.75 8.91 15.62
N VAL A 318 9.34 9.13 16.80
CA VAL A 318 9.61 8.04 17.73
C VAL A 318 8.39 7.74 18.59
N GLN A 319 7.88 8.75 19.30
CA GLN A 319 6.87 8.49 20.32
C GLN A 319 5.53 8.02 19.76
N GLN A 320 5.27 8.22 18.46
CA GLN A 320 4.02 7.69 17.92
C GLN A 320 3.97 6.18 18.06
N TRP A 321 5.14 5.53 18.09
CA TRP A 321 5.21 4.08 18.15
C TRP A 321 4.86 3.51 19.52
N ASN A 322 4.73 4.34 20.56
CA ASN A 322 4.28 3.82 21.84
C ASN A 322 2.93 3.14 21.73
N SER A 323 2.03 3.68 20.91
CA SER A 323 0.70 3.13 20.73
C SER A 323 0.65 1.95 19.79
N TYR A 324 1.79 1.29 19.56
CA TYR A 324 1.80 0.04 18.79
C TYR A 324 1.51 -1.13 19.74
N SER A 325 0.32 -1.72 19.59
CA SER A 325 -0.21 -2.66 20.60
C SER A 325 0.15 -4.11 20.27
N GLY A 326 -0.46 -4.66 19.23
CA GLY A 326 -0.10 -5.99 18.76
C GLY A 326 0.22 -6.04 17.28
N ILE A 327 0.38 -7.26 16.77
CA ILE A 327 0.80 -7.46 15.38
C ILE A 327 -0.19 -6.80 14.43
N LEU A 328 0.35 -6.09 13.42
CA LEU A 328 -0.41 -5.55 12.29
C LEU A 328 -1.51 -4.60 12.74
N SER A 329 -1.25 -3.81 13.79
CA SER A 329 -2.24 -2.86 14.27
C SER A 329 -1.48 -1.53 14.49
N PHE A 330 -1.25 -0.83 13.43
CA PHE A 330 -0.38 0.32 13.56
C PHE A 330 -1.17 1.51 14.10
N PRO A 331 -0.51 2.48 14.73
CA PRO A 331 -1.23 3.61 15.32
C PRO A 331 -1.73 4.62 14.30
N SER A 332 -1.41 4.46 13.01
CA SER A 332 -1.90 5.32 11.95
C SER A 332 -2.60 4.47 10.90
N ALA A 333 -3.80 4.89 10.51
CA ALA A 333 -4.50 4.22 9.43
C ALA A 333 -5.61 5.14 8.92
N PRO A 334 -6.16 4.88 7.74
CA PRO A 334 -7.28 5.68 7.27
C PRO A 334 -8.41 5.63 8.29
N THR A 335 -8.92 6.82 8.64
CA THR A 335 -9.80 7.00 9.77
C THR A 335 -11.18 7.41 9.31
N ILE A 336 -12.21 6.82 9.92
CA ILE A 336 -13.59 7.19 9.64
C ILE A 336 -13.82 8.60 10.15
N ASP A 337 -13.83 9.58 9.26
CA ASP A 337 -13.87 10.98 9.67
C ASP A 337 -15.07 11.73 9.12
N GLY A 338 -16.01 11.03 8.48
CA GLY A 338 -17.12 11.72 7.87
C GLY A 338 -16.73 12.72 6.83
N ALA A 339 -15.49 12.68 6.35
CA ALA A 339 -15.03 13.56 5.29
C ALA A 339 -14.44 12.73 4.17
N PHE A 340 -13.15 12.41 4.25
CA PHE A 340 -12.56 11.53 3.26
C PHE A 340 -13.11 10.12 3.36
N LEU A 341 -13.31 9.62 4.59
CA LEU A 341 -13.92 8.33 4.85
C LEU A 341 -15.25 8.52 5.56
N PRO A 342 -16.36 8.62 4.82
CA PRO A 342 -17.64 8.93 5.49
C PRO A 342 -18.17 7.82 6.36
N ALA A 343 -17.89 6.56 6.06
CA ALA A 343 -18.39 5.47 6.90
C ALA A 343 -17.38 4.32 6.86
N ASP A 344 -17.84 3.15 7.33
CA ASP A 344 -16.99 1.96 7.43
C ASP A 344 -16.77 1.33 6.06
N PRO A 345 -15.57 0.79 5.81
CA PRO A 345 -15.27 0.23 4.48
C PRO A 345 -16.14 -0.93 4.02
N MET A 346 -17.18 -1.32 4.77
CA MET A 346 -18.19 -2.26 4.28
C MET A 346 -19.57 -1.64 4.11
N THR A 347 -19.75 -0.38 4.53
CA THR A 347 -20.97 0.37 4.23
C THR A 347 -20.79 1.34 3.06
N LEU A 348 -19.57 1.43 2.51
CA LEU A 348 -19.34 2.18 1.27
C LEU A 348 -20.18 1.64 0.13
N MET A 349 -20.19 0.32 -0.03
CA MET A 349 -20.62 -0.33 -1.25
C MET A 349 -22.04 -0.90 -1.18
N LYS A 350 -22.72 -0.75 -0.04
CA LYS A 350 -24.17 -0.94 0.02
C LYS A 350 -24.81 -0.26 -1.18
N THR A 351 -24.35 0.96 -1.48
CA THR A 351 -25.04 1.90 -2.36
C THR A 351 -24.52 1.88 -3.79
N ALA A 352 -23.33 2.43 -4.01
CA ALA A 352 -22.90 2.83 -5.34
C ALA A 352 -22.75 1.63 -6.29
N ASP A 353 -22.82 1.93 -7.59
CA ASP A 353 -22.73 0.93 -8.64
C ASP A 353 -21.49 1.20 -9.49
N LEU A 354 -20.74 0.14 -9.76
CA LEU A 354 -19.42 0.23 -10.36
C LEU A 354 -19.37 -0.32 -11.78
N LYS A 355 -20.42 -0.12 -12.57
CA LYS A 355 -20.40 -0.62 -13.95
C LYS A 355 -19.18 -0.14 -14.72
N ASP A 356 -18.64 1.03 -14.39
CA ASP A 356 -17.55 1.63 -15.15
C ASP A 356 -16.16 1.35 -14.60
N TYR A 357 -16.05 0.61 -13.50
CA TYR A 357 -14.75 0.41 -12.87
C TYR A 357 -14.07 -0.85 -13.37
N ASP A 358 -12.76 -0.75 -13.59
CA ASP A 358 -11.90 -1.88 -13.93
C ASP A 358 -10.90 -2.07 -12.80
N ILE A 359 -10.88 -3.26 -12.23
CA ILE A 359 -10.11 -3.55 -11.03
C ILE A 359 -9.26 -4.78 -11.29
N LEU A 360 -7.97 -4.68 -10.97
CA LEU A 360 -7.05 -5.81 -10.96
C LEU A 360 -6.49 -5.95 -9.56
N MET A 361 -6.64 -7.12 -8.93
CA MET A 361 -6.20 -7.28 -7.54
C MET A 361 -5.73 -8.70 -7.30
N GLY A 362 -4.98 -8.88 -6.21
CA GLY A 362 -4.45 -10.20 -5.90
C GLY A 362 -3.64 -10.22 -4.62
N ASN A 363 -2.82 -11.25 -4.48
CA ASN A 363 -2.16 -11.59 -3.22
C ASN A 363 -0.90 -12.40 -3.52
N VAL A 364 -0.04 -12.56 -2.52
CA VAL A 364 1.10 -13.48 -2.60
C VAL A 364 0.84 -14.71 -1.72
N ARG A 365 1.65 -15.74 -1.94
CA ARG A 365 1.41 -17.03 -1.26
C ARG A 365 1.56 -16.92 0.25
N ASP A 366 2.54 -16.17 0.74
CA ASP A 366 2.87 -16.12 2.16
C ASP A 366 2.85 -14.67 2.66
N GLU A 367 1.68 -14.04 2.62
CA GLU A 367 1.54 -12.67 3.09
C GLU A 367 2.03 -12.49 4.53
N GLY A 368 1.82 -13.49 5.38
CA GLY A 368 2.01 -13.24 6.80
C GLY A 368 3.37 -13.56 7.38
N THR A 369 4.24 -14.30 6.67
CA THR A 369 5.47 -14.75 7.30
C THR A 369 6.29 -13.57 7.82
N TYR A 370 6.44 -12.53 7.00
CA TYR A 370 7.27 -11.39 7.38
C TYR A 370 6.79 -10.77 8.69
N PHE A 371 5.49 -10.56 8.82
CA PHE A 371 4.95 -9.95 10.03
C PHE A 371 5.07 -10.89 11.23
N LEU A 372 4.88 -12.19 11.00
CA LEU A 372 5.04 -13.14 12.10
C LEU A 372 6.47 -13.14 12.60
N LEU A 373 7.45 -13.16 11.68
CA LEU A 373 8.84 -13.11 12.10
C LEU A 373 9.13 -11.87 12.94
N TYR A 374 8.58 -10.70 12.55
CA TYR A 374 8.92 -9.47 13.26
C TYR A 374 8.22 -9.36 14.61
N ASP A 375 6.95 -9.74 14.71
CA ASP A 375 6.24 -9.52 15.96
C ASP A 375 6.46 -10.62 16.99
N PHE A 376 7.15 -11.70 16.61
CA PHE A 376 7.45 -12.82 17.51
C PHE A 376 8.89 -13.24 17.31
N ILE A 377 9.77 -12.24 17.18
CA ILE A 377 11.15 -12.49 16.83
C ILE A 377 11.87 -13.25 17.93
N ASP A 378 11.29 -13.29 19.13
CA ASP A 378 11.87 -14.12 20.18
C ASP A 378 11.81 -15.61 19.82
N TYR A 379 10.80 -16.02 19.05
CA TYR A 379 10.69 -17.43 18.67
C TYR A 379 11.41 -17.76 17.38
N PHE A 380 11.55 -16.81 16.48
CA PHE A 380 11.81 -17.15 15.09
C PHE A 380 13.13 -16.56 14.60
N ASP A 381 13.51 -17.00 13.42
CA ASP A 381 14.81 -16.71 12.86
C ASP A 381 14.64 -16.46 11.37
N LYS A 382 15.20 -15.35 10.89
CA LYS A 382 15.03 -14.99 9.49
C LYS A 382 15.68 -15.98 8.55
N ASP A 383 16.59 -16.82 9.04
CA ASP A 383 17.31 -17.75 8.16
C ASP A 383 16.75 -19.17 8.22
N ASP A 384 16.50 -19.69 9.42
CA ASP A 384 16.13 -21.09 9.58
C ASP A 384 14.68 -21.21 10.02
N ALA A 385 14.09 -22.36 9.69
CA ALA A 385 12.76 -22.67 10.18
C ALA A 385 12.83 -23.02 11.66
N THR A 386 11.70 -22.88 12.34
CA THR A 386 11.60 -23.14 13.76
C THR A 386 10.65 -24.32 13.99
N ALA A 387 11.15 -25.37 14.63
CA ALA A 387 10.29 -26.47 15.06
C ALA A 387 9.56 -26.03 16.33
N LEU A 388 8.31 -25.60 16.18
CA LEU A 388 7.59 -24.94 17.24
C LEU A 388 6.67 -25.94 17.94
N PRO A 389 6.78 -26.14 19.25
CA PRO A 389 5.97 -27.14 19.93
C PRO A 389 4.52 -26.70 20.11
N ARG A 390 3.67 -27.69 20.43
CA ARG A 390 2.23 -27.45 20.49
C ARG A 390 1.89 -26.33 21.47
N ASP A 391 2.45 -26.40 22.68
CA ASP A 391 2.15 -25.39 23.69
C ASP A 391 2.46 -23.99 23.18
N LYS A 392 3.57 -23.83 22.45
CA LYS A 392 3.97 -22.51 21.97
C LYS A 392 3.24 -22.12 20.69
N TYR A 393 2.65 -23.09 19.99
CA TYR A 393 1.68 -22.75 18.96
C TYR A 393 0.43 -22.12 19.58
N LEU A 394 -0.10 -22.74 20.65
CA LEU A 394 -1.24 -22.15 21.34
C LEU A 394 -0.90 -20.77 21.89
N GLU A 395 0.25 -20.67 22.56
CA GLU A 395 0.68 -19.41 23.15
C GLU A 395 0.76 -18.30 22.10
N ILE A 396 1.19 -18.63 20.87
CA ILE A 396 1.35 -17.59 19.84
C ILE A 396 0.01 -17.27 19.18
N MET A 397 -0.75 -18.31 18.81
CA MET A 397 -2.07 -18.11 18.23
C MET A 397 -2.97 -17.33 19.19
N ASN A 398 -2.99 -17.74 20.47
CA ASN A 398 -3.81 -17.05 21.45
C ASN A 398 -3.39 -15.60 21.57
N ASN A 399 -2.12 -15.29 21.27
CA ASN A 399 -1.67 -13.91 21.31
C ASN A 399 -2.22 -13.12 20.13
N ILE A 400 -2.03 -13.63 18.91
CA ILE A 400 -2.43 -12.92 17.70
C ILE A 400 -3.93 -12.63 17.71
N PHE A 401 -4.74 -13.60 18.12
CA PHE A 401 -6.19 -13.47 18.10
C PHE A 401 -6.76 -13.28 19.49
N GLY A 402 -5.97 -12.68 20.40
CA GLY A 402 -6.38 -12.50 21.77
C GLY A 402 -7.59 -11.61 21.98
N LYS A 403 -7.91 -10.76 21.00
CA LYS A 403 -9.07 -9.87 21.08
C LYS A 403 -10.34 -10.46 20.47
N ALA A 404 -10.23 -11.61 19.80
CA ALA A 404 -11.41 -12.32 19.35
C ALA A 404 -11.97 -13.17 20.46
N THR A 405 -13.26 -13.49 20.35
CA THR A 405 -13.91 -14.45 21.24
C THR A 405 -13.06 -15.71 21.37
N GLN A 406 -13.11 -16.35 22.53
CA GLN A 406 -12.38 -17.61 22.64
C GLN A 406 -13.01 -18.70 21.77
N ALA A 407 -14.33 -18.67 21.56
CA ALA A 407 -14.94 -19.56 20.59
C ALA A 407 -14.48 -19.25 19.16
N GLU A 408 -14.03 -18.03 18.86
CA GLU A 408 -13.35 -17.86 17.59
C GLU A 408 -11.91 -18.31 17.67
N ARG A 409 -11.23 -17.92 18.75
CA ARG A 409 -9.89 -18.43 19.03
C ARG A 409 -9.84 -19.94 18.92
N GLU A 410 -10.79 -20.63 19.58
CA GLU A 410 -10.84 -22.09 19.50
C GLU A 410 -11.00 -22.57 18.04
N ALA A 411 -11.81 -21.86 17.26
CA ALA A 411 -12.11 -22.32 15.90
C ALA A 411 -10.97 -22.04 14.94
N ILE A 412 -10.32 -20.90 15.09
CA ILE A 412 -9.13 -20.63 14.32
C ILE A 412 -8.07 -21.66 14.65
N ILE A 413 -7.82 -21.88 15.94
CA ILE A 413 -6.78 -22.81 16.37
C ILE A 413 -7.02 -24.20 15.80
N PHE A 414 -8.27 -24.65 15.77
CA PHE A 414 -8.54 -25.96 15.16
C PHE A 414 -8.38 -25.92 13.65
N GLN A 415 -8.82 -24.83 13.03
CA GLN A 415 -8.70 -24.72 11.58
C GLN A 415 -7.25 -24.73 11.12
N TYR A 416 -6.29 -24.48 12.03
CA TYR A 416 -4.88 -24.44 11.65
C TYR A 416 -4.02 -25.44 12.43
N THR A 417 -4.61 -26.48 13.03
CA THR A 417 -3.79 -27.52 13.61
C THR A 417 -3.21 -28.43 12.51
N SER A 418 -1.92 -28.72 12.63
CA SER A 418 -1.26 -29.62 11.71
C SER A 418 -1.50 -31.05 12.13
N TRP A 419 -1.50 -31.95 11.14
CA TRP A 419 -1.50 -33.39 11.41
C TRP A 419 -0.57 -34.16 10.49
N GLU A 420 -0.06 -33.55 9.42
CA GLU A 420 0.79 -34.22 8.45
C GLU A 420 2.14 -33.53 8.39
N GLY A 421 3.15 -34.30 8.02
CA GLY A 421 4.52 -33.81 7.99
C GLY A 421 5.16 -33.86 9.37
N ASN A 422 6.35 -33.28 9.46
CA ASN A 422 6.99 -33.10 10.76
C ASN A 422 6.32 -31.94 11.47
N PRO A 423 5.77 -32.14 12.68
CA PRO A 423 4.81 -31.17 13.22
C PRO A 423 5.44 -29.84 13.59
N GLY A 424 6.74 -29.78 13.87
CA GLY A 424 7.38 -28.56 14.30
C GLY A 424 7.39 -27.46 13.27
N TYR A 425 7.97 -27.75 12.10
CA TYR A 425 8.00 -26.75 11.03
C TYR A 425 6.60 -26.41 10.55
N GLN A 426 5.66 -27.35 10.67
CA GLN A 426 4.31 -27.09 10.17
C GLN A 426 3.57 -26.12 11.07
N ASN A 427 3.76 -26.20 12.38
CA ASN A 427 3.12 -25.25 13.27
C ASN A 427 3.45 -23.83 12.87
N GLN A 428 4.74 -23.54 12.71
CA GLN A 428 5.16 -22.22 12.25
C GLN A 428 4.53 -21.88 10.91
N GLN A 429 4.55 -22.83 9.98
CA GLN A 429 3.93 -22.60 8.69
C GLN A 429 2.45 -22.25 8.85
N GLN A 430 1.75 -22.94 9.74
CA GLN A 430 0.33 -22.72 9.85
C GLN A 430 0.01 -21.38 10.49
N ILE A 431 0.83 -20.95 11.46
CA ILE A 431 0.61 -19.62 12.02
C ILE A 431 0.80 -18.56 10.95
N GLY A 432 1.80 -18.77 10.09
CA GLY A 432 2.01 -17.84 8.99
C GLY A 432 0.80 -17.72 8.09
N ARG A 433 0.23 -18.86 7.67
CA ARG A 433 -0.98 -18.86 6.86
C ARG A 433 -2.11 -18.13 7.57
N ALA A 434 -2.33 -18.45 8.85
CA ALA A 434 -3.38 -17.79 9.61
C ALA A 434 -3.23 -16.27 9.56
N VAL A 435 -2.01 -15.78 9.79
CA VAL A 435 -1.76 -14.34 9.76
C VAL A 435 -2.10 -13.78 8.39
N GLY A 436 -1.46 -14.33 7.34
CA GLY A 436 -1.68 -13.83 6.00
C GLY A 436 -3.12 -13.96 5.54
N ASP A 437 -3.74 -15.11 5.83
CA ASP A 437 -5.13 -15.33 5.46
C ASP A 437 -6.06 -14.30 6.08
N HIS A 438 -5.95 -14.10 7.39
CA HIS A 438 -6.91 -13.25 8.07
C HIS A 438 -6.67 -11.77 7.75
N PHE A 439 -5.42 -11.37 7.56
CA PHE A 439 -5.10 -9.94 7.45
C PHE A 439 -4.98 -9.43 6.04
N PHE A 440 -4.79 -10.32 5.06
CA PHE A 440 -4.57 -9.84 3.69
C PHE A 440 -5.43 -10.60 2.68
N THR A 441 -5.14 -11.88 2.47
CA THR A 441 -5.72 -12.60 1.33
C THR A 441 -7.25 -12.66 1.41
N CYS A 442 -7.80 -12.98 2.59
CA CYS A 442 -9.25 -13.14 2.63
C CYS A 442 -9.99 -11.81 2.75
N PRO A 443 -9.44 -10.76 3.39
CA PRO A 443 -10.00 -9.40 3.18
C PRO A 443 -10.03 -9.00 1.72
N THR A 444 -8.96 -9.28 0.96
CA THR A 444 -8.96 -9.03 -0.49
C THR A 444 -10.05 -9.83 -1.18
N ASN A 445 -10.09 -11.14 -0.95
CA ASN A 445 -11.11 -11.97 -1.55
C ASN A 445 -12.50 -11.40 -1.32
N GLU A 446 -12.80 -10.99 -0.09
CA GLU A 446 -14.14 -10.53 0.21
C GLU A 446 -14.48 -9.28 -0.57
N TYR A 447 -13.56 -8.31 -0.60
CA TYR A 447 -13.81 -7.07 -1.34
C TYR A 447 -13.93 -7.35 -2.83
N ALA A 448 -13.13 -8.28 -3.35
CA ALA A 448 -13.24 -8.64 -4.75
C ALA A 448 -14.65 -9.14 -5.07
N GLN A 449 -15.18 -10.02 -4.21
CA GLN A 449 -16.55 -10.45 -4.39
C GLN A 449 -17.51 -9.28 -4.28
N ALA A 450 -17.29 -8.37 -3.33
CA ALA A 450 -18.17 -7.22 -3.19
C ALA A 450 -18.14 -6.33 -4.43
N LEU A 451 -16.95 -6.08 -5.00
CA LEU A 451 -16.87 -5.20 -6.17
C LEU A 451 -17.59 -5.82 -7.37
N ALA A 452 -17.30 -7.09 -7.67
CA ALA A 452 -17.95 -7.72 -8.82
C ALA A 452 -19.47 -7.80 -8.63
N GLU A 453 -19.94 -7.85 -7.38
CA GLU A 453 -21.38 -7.85 -7.17
C GLU A 453 -22.01 -6.51 -7.50
N ARG A 454 -21.25 -5.41 -7.40
CA ARG A 454 -21.82 -4.11 -7.76
C ARG A 454 -21.43 -3.68 -9.16
N GLY A 455 -20.92 -4.58 -9.99
CA GLY A 455 -20.79 -4.31 -11.40
C GLY A 455 -19.41 -4.03 -11.91
N ALA A 456 -18.40 -3.95 -11.04
CA ALA A 456 -17.05 -3.71 -11.51
C ALA A 456 -16.54 -4.93 -12.27
N SER A 457 -15.61 -4.68 -13.16
CA SER A 457 -14.95 -5.73 -13.94
C SER A 457 -13.65 -6.06 -13.21
N VAL A 458 -13.67 -7.17 -12.46
CA VAL A 458 -12.61 -7.53 -11.52
C VAL A 458 -11.81 -8.69 -12.10
N HIS A 459 -10.49 -8.56 -12.04
CA HIS A 459 -9.57 -9.64 -12.41
C HIS A 459 -8.64 -9.88 -11.24
N TYR A 460 -8.44 -11.15 -10.93
CA TYR A 460 -7.80 -11.61 -9.70
C TYR A 460 -6.59 -12.46 -10.05
N TYR A 461 -5.49 -12.25 -9.33
CA TYR A 461 -4.26 -12.99 -9.56
C TYR A 461 -3.77 -13.57 -8.25
N TYR A 462 -2.87 -14.54 -8.34
CA TYR A 462 -2.21 -15.10 -7.15
C TYR A 462 -0.74 -15.30 -7.49
N PHE A 463 0.16 -14.69 -6.71
CA PHE A 463 1.59 -14.70 -7.00
C PHE A 463 2.29 -15.75 -6.14
N THR A 464 2.90 -16.74 -6.78
CA THR A 464 3.44 -17.87 -6.02
C THR A 464 4.92 -18.10 -6.24
N HIS A 465 5.62 -17.25 -6.98
CA HIS A 465 7.02 -17.51 -7.30
C HIS A 465 7.93 -17.01 -6.20
N ARG A 466 8.82 -17.89 -5.75
CA ARG A 466 9.87 -17.53 -4.78
C ARG A 466 11.09 -17.07 -5.57
N THR A 467 11.44 -15.79 -5.47
CA THR A 467 12.56 -15.29 -6.27
C THR A 467 13.85 -16.00 -5.92
N SER A 468 14.62 -16.37 -6.95
CA SER A 468 15.78 -17.22 -6.74
C SER A 468 16.87 -16.53 -5.93
N THR A 469 16.85 -15.20 -5.82
CA THR A 469 17.86 -14.50 -5.05
C THR A 469 17.35 -14.02 -3.70
N SER A 470 16.14 -14.42 -3.29
CA SER A 470 15.56 -13.85 -2.09
C SER A 470 16.46 -14.11 -0.89
N LEU A 471 16.75 -13.04 -0.16
CA LEU A 471 17.68 -13.12 0.96
C LEU A 471 17.02 -13.57 2.25
N TRP A 472 15.71 -13.66 2.28
CA TRP A 472 14.99 -14.14 3.44
C TRP A 472 15.04 -15.67 3.49
N GLY A 473 14.77 -16.21 4.68
CA GLY A 473 14.80 -17.64 4.87
C GLY A 473 13.78 -18.36 4.01
N GLU A 474 14.04 -19.65 3.78
CA GLU A 474 13.15 -20.41 2.91
C GLU A 474 11.77 -20.58 3.50
N TRP A 475 11.68 -20.69 4.83
CA TRP A 475 10.39 -20.94 5.46
C TRP A 475 9.42 -19.79 5.24
N MET A 476 9.94 -18.58 5.03
CA MET A 476 9.12 -17.39 4.81
C MET A 476 8.52 -17.36 3.41
N GLY A 477 8.98 -18.23 2.50
CA GLY A 477 8.32 -18.40 1.21
C GLY A 477 8.23 -17.14 0.38
N VAL A 478 7.07 -16.95 -0.25
CA VAL A 478 6.84 -15.84 -1.18
C VAL A 478 6.35 -14.65 -0.36
N LEU A 479 7.26 -13.72 -0.06
CA LEU A 479 7.03 -12.66 0.92
C LEU A 479 6.07 -11.57 0.43
N HIS A 480 5.35 -10.97 1.38
N HIS A 480 5.35 -10.97 1.37
CA HIS A 480 4.61 -9.75 1.07
CA HIS A 480 4.58 -9.76 1.10
C HIS A 480 5.52 -8.75 0.40
C HIS A 480 5.47 -8.70 0.46
N GLY A 481 5.06 -8.20 -0.71
CA GLY A 481 5.84 -7.24 -1.45
C GLY A 481 6.83 -7.85 -2.44
N ASP A 482 6.95 -9.19 -2.47
CA ASP A 482 7.87 -9.86 -3.39
C ASP A 482 7.47 -9.69 -4.83
N GLU A 483 6.21 -9.37 -5.08
CA GLU A 483 5.72 -9.29 -6.45
C GLU A 483 5.92 -7.91 -7.07
N ILE A 484 6.19 -6.89 -6.25
CA ILE A 484 6.38 -5.54 -6.77
C ILE A 484 7.43 -5.49 -7.88
N GLU A 485 8.66 -6.00 -7.61
CA GLU A 485 9.70 -6.05 -8.65
C GLU A 485 9.17 -6.54 -9.99
N TYR A 486 8.40 -7.64 -9.96
CA TYR A 486 7.97 -8.27 -11.19
C TYR A 486 6.97 -7.40 -11.95
N PHE A 487 5.95 -6.88 -11.25
CA PHE A 487 5.01 -5.99 -11.93
C PHE A 487 5.71 -4.74 -12.47
N PHE A 488 6.75 -4.27 -11.80
CA PHE A 488 7.50 -3.15 -12.34
C PHE A 488 8.42 -3.56 -13.48
N GLY A 489 8.58 -4.86 -13.72
CA GLY A 489 9.42 -5.33 -14.82
C GLY A 489 10.90 -5.32 -14.54
N GLN A 490 11.30 -5.32 -13.27
CA GLN A 490 12.73 -5.31 -12.98
C GLN A 490 13.48 -6.54 -13.50
N PRO A 491 12.89 -7.74 -13.58
CA PRO A 491 13.62 -8.86 -14.18
C PRO A 491 14.01 -8.64 -15.64
N LEU A 492 13.47 -7.63 -16.32
CA LEU A 492 14.00 -7.31 -17.63
C LEU A 492 15.39 -6.70 -17.54
N ASN A 493 15.75 -6.14 -16.39
CA ASN A 493 17.03 -5.47 -16.19
C ASN A 493 18.14 -6.52 -16.19
N ASN A 494 18.91 -6.58 -17.27
CA ASN A 494 19.94 -7.60 -17.43
C ASN A 494 21.10 -7.42 -16.45
N SER A 495 21.20 -6.26 -15.80
CA SER A 495 22.23 -6.06 -14.79
C SER A 495 21.84 -6.68 -13.46
N LEU A 496 20.55 -6.83 -13.21
CA LEU A 496 20.08 -7.57 -12.06
C LEU A 496 20.14 -9.06 -12.34
N GLN A 497 20.46 -9.83 -11.30
CA GLN A 497 20.56 -11.28 -11.42
C GLN A 497 19.20 -11.94 -11.33
N TYR A 498 18.76 -12.57 -12.41
CA TYR A 498 17.50 -13.31 -12.43
C TYR A 498 17.65 -14.52 -13.35
N ARG A 499 16.93 -15.60 -13.02
CA ARG A 499 16.87 -16.77 -13.88
C ARG A 499 16.08 -16.43 -15.15
N PRO A 500 16.40 -17.07 -16.28
CA PRO A 500 15.63 -16.79 -17.50
C PRO A 500 14.14 -16.97 -17.32
N VAL A 501 13.71 -17.98 -16.54
CA VAL A 501 12.30 -18.13 -16.20
C VAL A 501 11.81 -16.87 -15.49
N GLU A 502 12.64 -16.31 -14.60
CA GLU A 502 12.19 -15.14 -13.85
C GLU A 502 12.05 -13.94 -14.77
N ARG A 503 12.98 -13.76 -15.71
CA ARG A 503 12.84 -12.68 -16.69
C ARG A 503 11.55 -12.84 -17.49
N GLU A 504 11.24 -14.07 -17.90
CA GLU A 504 9.99 -14.31 -18.60
C GLU A 504 8.80 -13.91 -17.73
N LEU A 505 8.77 -14.34 -16.47
CA LEU A 505 7.62 -14.02 -15.65
C LEU A 505 7.52 -12.52 -15.42
N GLY A 506 8.67 -11.85 -15.23
CA GLY A 506 8.66 -10.39 -15.16
C GLY A 506 8.07 -9.75 -16.41
N LYS A 507 8.52 -10.20 -17.59
CA LYS A 507 7.90 -9.70 -18.81
C LYS A 507 6.40 -9.93 -18.81
N ARG A 508 5.95 -11.08 -18.30
CA ARG A 508 4.53 -11.41 -18.36
C ARG A 508 3.72 -10.60 -17.34
N MET A 509 4.31 -10.36 -16.16
CA MET A 509 3.55 -9.64 -15.14
C MET A 509 3.48 -8.15 -15.46
N LEU A 510 4.55 -7.60 -16.05
CA LEU A 510 4.52 -6.21 -16.51
C LEU A 510 3.47 -6.03 -17.59
N SER A 511 3.39 -6.97 -18.54
CA SER A 511 2.38 -6.84 -19.59
C SER A 511 0.96 -6.94 -19.04
N ALA A 512 0.76 -7.66 -17.95
CA ALA A 512 -0.55 -7.65 -17.29
C ALA A 512 -0.90 -6.24 -16.86
N VAL A 513 0.04 -5.53 -16.25
CA VAL A 513 -0.21 -4.16 -15.81
C VAL A 513 -0.51 -3.26 -17.00
N ILE A 514 0.36 -3.27 -18.02
CA ILE A 514 0.21 -2.37 -19.16
C ILE A 514 -1.13 -2.62 -19.86
N GLU A 515 -1.44 -3.89 -20.15
CA GLU A 515 -2.70 -4.22 -20.83
C GLU A 515 -3.90 -3.82 -19.98
N PHE A 516 -3.81 -3.98 -18.68
CA PHE A 516 -4.89 -3.52 -17.81
C PHE A 516 -5.05 -2.01 -17.89
N ALA A 517 -3.95 -1.28 -17.72
CA ALA A 517 -4.02 0.17 -17.82
C ALA A 517 -4.52 0.61 -19.18
N LYS A 518 -4.25 -0.18 -20.21
CA LYS A 518 -4.57 0.23 -21.56
C LYS A 518 -6.01 -0.09 -21.92
N THR A 519 -6.50 -1.24 -21.46
CA THR A 519 -7.80 -1.75 -21.86
C THR A 519 -8.71 -2.12 -20.70
N GLY A 520 -8.26 -1.98 -19.46
CA GLY A 520 -9.04 -2.46 -18.33
C GLY A 520 -9.01 -3.96 -18.16
N ASN A 521 -8.26 -4.68 -18.99
CA ASN A 521 -8.26 -6.12 -18.97
C ASN A 521 -6.81 -6.62 -19.00
N PRO A 522 -6.36 -7.32 -17.96
CA PRO A 522 -4.96 -7.75 -17.91
C PRO A 522 -4.61 -8.78 -18.96
N ALA A 523 -5.59 -9.43 -19.54
CA ALA A 523 -5.34 -10.63 -20.33
C ALA A 523 -4.79 -10.26 -21.70
N GLN A 524 -3.67 -10.90 -22.07
CA GLN A 524 -3.22 -10.95 -23.45
C GLN A 524 -4.33 -11.56 -24.31
N ASP A 525 -4.21 -11.44 -25.62
CA ASP A 525 -5.11 -12.16 -26.50
C ASP A 525 -4.53 -13.53 -26.79
N GLY A 526 -5.40 -14.55 -26.81
CA GLY A 526 -4.94 -15.91 -26.78
C GLY A 526 -4.62 -16.43 -25.40
N GLU A 527 -4.78 -15.59 -24.38
CA GLU A 527 -4.63 -15.96 -22.99
C GLU A 527 -6.00 -15.91 -22.33
N GLU A 528 -6.40 -16.99 -21.66
CA GLU A 528 -7.64 -16.99 -20.92
C GLU A 528 -7.36 -16.47 -19.52
N TRP A 529 -8.03 -15.38 -19.15
CA TRP A 529 -8.03 -14.91 -17.77
C TRP A 529 -9.40 -14.32 -17.53
N PRO A 530 -10.34 -15.14 -17.09
CA PRO A 530 -11.74 -14.70 -17.00
C PRO A 530 -11.97 -13.78 -15.81
N ASN A 531 -13.15 -13.16 -15.83
CA ASN A 531 -13.55 -12.26 -14.76
C ASN A 531 -13.77 -13.01 -13.44
N PHE A 532 -13.47 -12.33 -12.34
CA PHE A 532 -13.69 -12.85 -10.99
C PHE A 532 -15.05 -12.41 -10.47
N SER A 533 -15.81 -13.37 -9.93
CA SER A 533 -17.10 -13.11 -9.31
C SER A 533 -17.30 -14.10 -8.17
N LYS A 534 -18.22 -13.79 -7.26
CA LYS A 534 -18.56 -14.79 -6.26
C LYS A 534 -19.08 -16.06 -6.91
N GLU A 535 -19.82 -15.92 -8.02
CA GLU A 535 -20.35 -17.07 -8.74
C GLU A 535 -19.23 -17.93 -9.30
N ASP A 536 -18.17 -17.29 -9.79
CA ASP A 536 -17.03 -17.99 -10.39
C ASP A 536 -15.76 -17.29 -9.94
N PRO A 537 -15.22 -17.68 -8.80
CA PRO A 537 -14.06 -16.98 -8.22
C PRO A 537 -12.73 -17.46 -8.79
N VAL A 538 -12.58 -17.35 -10.10
CA VAL A 538 -11.38 -17.81 -10.78
C VAL A 538 -10.26 -16.77 -10.70
N TYR A 539 -9.04 -17.24 -10.49
CA TYR A 539 -7.87 -16.38 -10.40
C TYR A 539 -6.73 -16.98 -11.20
N TYR A 540 -5.84 -16.11 -11.67
CA TYR A 540 -4.70 -16.50 -12.49
C TYR A 540 -3.49 -16.64 -11.59
N ILE A 541 -2.82 -17.81 -11.64
CA ILE A 541 -1.63 -18.09 -10.82
C ILE A 541 -0.42 -17.51 -11.52
N PHE A 542 0.30 -16.62 -10.85
CA PHE A 542 1.55 -16.09 -11.40
C PHE A 542 2.70 -16.90 -10.84
N SER A 543 3.34 -17.67 -11.70
CA SER A 543 4.31 -18.64 -11.22
C SER A 543 5.30 -18.92 -12.33
N THR A 544 6.43 -19.48 -11.94
CA THR A 544 7.48 -19.84 -12.87
C THR A 544 7.44 -21.31 -13.28
N ASP A 545 6.78 -22.15 -12.50
CA ASP A 545 6.53 -23.53 -12.91
C ASP A 545 5.53 -23.54 -14.06
N ASP A 546 5.87 -24.20 -15.16
CA ASP A 546 4.96 -24.27 -16.29
C ASP A 546 4.13 -25.56 -16.32
N LYS A 547 4.26 -26.43 -15.32
CA LYS A 547 3.47 -27.65 -15.21
C LYS A 547 2.13 -27.43 -14.51
N ILE A 548 1.94 -26.29 -13.81
CA ILE A 548 0.70 -26.08 -13.06
C ILE A 548 -0.42 -25.64 -13.99
N GLU A 549 -1.66 -25.80 -13.52
CA GLU A 549 -2.79 -25.14 -14.13
C GLU A 549 -2.78 -23.70 -13.62
N LYS A 550 -2.76 -22.73 -14.53
CA LYS A 550 -2.66 -21.36 -14.05
C LYS A 550 -4.01 -20.75 -13.70
N LEU A 551 -5.12 -21.36 -14.09
CA LEU A 551 -6.44 -20.91 -13.65
C LEU A 551 -6.95 -21.83 -12.55
N ALA A 552 -7.41 -21.23 -11.45
CA ALA A 552 -7.80 -21.98 -10.28
C ALA A 552 -8.97 -21.28 -9.58
N ARG A 553 -9.79 -22.08 -8.87
CA ARG A 553 -10.92 -21.56 -8.11
C ARG A 553 -10.91 -22.06 -6.67
N GLY A 554 -10.65 -23.37 -6.50
CA GLY A 554 -10.91 -24.06 -5.26
C GLY A 554 -10.13 -23.61 -4.04
N PRO A 555 -8.80 -23.65 -4.13
CA PRO A 555 -7.98 -23.47 -2.91
C PRO A 555 -8.23 -22.16 -2.15
N LEU A 556 -8.21 -21.01 -2.83
CA LEU A 556 -8.50 -19.76 -2.15
C LEU A 556 -9.89 -19.75 -1.55
N ALA A 557 -10.85 -20.38 -2.23
CA ALA A 557 -12.22 -20.34 -1.75
C ALA A 557 -12.36 -21.13 -0.45
N ALA A 558 -11.64 -22.24 -0.34
CA ALA A 558 -11.71 -23.05 0.86
C ALA A 558 -11.06 -22.35 2.05
N ARG A 559 -9.87 -21.78 1.83
CA ARG A 559 -9.20 -21.05 2.92
C ARG A 559 -10.03 -19.88 3.40
N CYS A 560 -10.65 -19.16 2.49
CA CYS A 560 -11.31 -17.91 2.85
C CYS A 560 -12.75 -18.10 3.29
N SER A 561 -13.42 -19.17 2.86
CA SER A 561 -14.76 -19.42 3.35
C SER A 561 -14.77 -19.58 4.85
N PHE A 562 -13.67 -20.05 5.42
CA PHE A 562 -13.54 -20.06 6.87
C PHE A 562 -13.65 -18.64 7.42
N TRP A 563 -12.84 -17.72 6.89
CA TRP A 563 -12.78 -16.39 7.46
C TRP A 563 -14.03 -15.58 7.11
N ASN A 564 -14.52 -15.72 5.87
CA ASN A 564 -15.55 -14.84 5.36
C ASN A 564 -16.98 -15.36 5.51
N ASP A 565 -17.17 -16.67 5.67
CA ASP A 565 -18.51 -17.25 5.87
C ASP A 565 -18.69 -17.89 7.24
N TYR A 566 -17.77 -18.76 7.65
CA TYR A 566 -17.98 -19.55 8.85
C TYR A 566 -17.77 -18.73 10.12
N LEU A 567 -16.59 -18.13 10.25
CA LEU A 567 -16.25 -17.38 11.46
C LEU A 567 -17.28 -16.30 11.80
N PRO A 568 -17.86 -15.58 10.84
CA PRO A 568 -18.99 -14.69 11.17
C PRO A 568 -20.10 -15.35 11.95
N LYS A 569 -20.29 -16.66 11.80
CA LYS A 569 -21.40 -17.31 12.47
C LYS A 569 -21.04 -17.72 13.89
N VAL A 570 -19.78 -18.02 14.16
CA VAL A 570 -19.46 -18.41 15.53
C VAL A 570 -19.48 -17.18 16.43
N ARG A 571 -19.24 -15.99 15.85
CA ARG A 571 -19.35 -14.74 16.60
C ARG A 571 -20.75 -14.55 17.15
N SER A 572 -21.77 -14.94 16.40
CA SER A 572 -23.16 -14.91 16.87
C SER A 572 -23.32 -15.94 17.99
N TRP A 573 -22.91 -15.53 19.19
CA TRP A 573 -22.99 -16.31 20.43
C TRP A 573 -22.59 -17.79 20.29
#